data_6N77
#
_entry.id   6N77
#
_cell.length_a   43.120
_cell.length_b   175.540
_cell.length_c   45.680
_cell.angle_alpha   90.00
_cell.angle_beta   94.11
_cell.angle_gamma   90.00
#
_symmetry.space_group_name_H-M   'P 1 21 1'
#
loop_
_entity.id
_entity.type
_entity.pdbx_description
1 polymer 'Tyrosine-protein kinase JAK1'
2 non-polymer N-[3-(5-chloro-2-methoxyphenyl)-1-methyl-1H-pyrazol-4-yl]pyrazolo[1,5-a]pyrimidine-3-carboxamide
3 non-polymer GLYCEROL
4 water water
#
_entity_poly.entity_id   1
_entity_poly.type   'polypeptide(L)'
_entity_poly.pdbx_seq_one_letter_code
;GDIVSEKKPATEVDPTHFEKRFLKRIRDLGEGHFGKVELCRYDPEGDNTGEQVAVKSLKPESGGNHIADLKKEIEILRNL
YHENIVKYKGICTEDGGNGIKLIMEFLPSGSLKEYLPKNKNKINLKQQLKYAVQICKGMDYLGSRQYVHRDLAARNVLVE
SEHQVKIGDFGLTKAIETDKE(PTR)(PTR)TVKDDRDSPVFWYAPECLMQSKFYIASDVWSFGVTLHELLTYCDSDSSP
MALFLKMIGPTHGQMTVTRLVNTLKEGKRLPCPPNCPDEVYQLMRKCWEFQPSNRTSFQNLIEGFEALLK
;
_entity_poly.pdbx_strand_id   A,B
#
loop_
_chem_comp.id
_chem_comp.type
_chem_comp.name
_chem_comp.formula
GOL non-polymer GLYCEROL 'C3 H8 O3'
KEJ non-polymer N-[3-(5-chloro-2-methoxyphenyl)-1-methyl-1H-pyrazol-4-yl]pyrazolo[1,5-a]pyrimidine-3-carboxamide 'C18 H15 Cl N6 O2'
#
# COMPACT_ATOMS: atom_id res chain seq x y z
N ASP A 14 -38.87 -9.66 27.43
CA ASP A 14 -37.41 -9.78 27.31
C ASP A 14 -36.79 -8.38 27.46
N PRO A 15 -36.01 -8.13 28.54
CA PRO A 15 -35.42 -6.79 28.72
C PRO A 15 -34.33 -6.40 27.70
N THR A 16 -33.79 -7.41 26.97
CA THR A 16 -32.73 -7.21 25.97
C THR A 16 -33.29 -7.03 24.54
N HIS A 17 -34.64 -6.96 24.40
CA HIS A 17 -35.29 -6.78 23.10
C HIS A 17 -35.84 -5.35 23.01
N PHE A 18 -35.22 -4.51 22.14
CA PHE A 18 -35.62 -3.11 21.96
C PHE A 18 -36.50 -2.98 20.72
N GLU A 19 -37.78 -2.61 20.93
CA GLU A 19 -38.77 -2.46 19.86
C GLU A 19 -38.42 -1.21 19.05
N LYS A 20 -38.36 -1.36 17.71
CA LYS A 20 -38.04 -0.30 16.74
C LYS A 20 -38.92 0.95 16.92
N ARG A 21 -40.23 0.73 17.15
CA ARG A 21 -41.21 1.84 17.33
C ARG A 21 -40.89 2.77 18.51
N PHE A 22 -40.17 2.26 19.54
CA PHE A 22 -39.85 3.08 20.71
C PHE A 22 -38.40 3.57 20.74
N LEU A 23 -37.55 3.15 19.76
CA LEU A 23 -36.14 3.54 19.76
C LEU A 23 -35.96 4.82 18.93
N LYS A 24 -35.95 5.97 19.63
CA LYS A 24 -35.92 7.28 18.97
C LYS A 24 -34.54 7.84 18.78
N ARG A 25 -34.13 8.07 17.50
CA ARG A 25 -32.83 8.66 17.20
C ARG A 25 -32.73 10.12 17.68
N ILE A 26 -31.65 10.46 18.41
CA ILE A 26 -31.35 11.82 18.90
C ILE A 26 -30.31 12.50 17.98
N ARG A 27 -29.09 11.95 17.88
CA ARG A 27 -28.02 12.53 17.05
C ARG A 27 -26.91 11.48 16.82
N ASP A 28 -25.97 11.81 15.92
CA ASP A 28 -24.80 10.96 15.64
C ASP A 28 -23.80 11.11 16.79
N LEU A 29 -23.03 10.05 17.05
CA LEU A 29 -21.94 10.09 18.00
C LEU A 29 -20.63 9.92 17.23
N GLY A 30 -20.59 8.97 16.30
CA GLY A 30 -19.41 8.67 15.50
C GLY A 30 -19.68 7.81 14.29
N GLU A 31 -18.75 7.80 13.33
CA GLU A 31 -18.91 7.07 12.09
C GLU A 31 -17.57 6.55 11.56
N GLY A 32 -17.61 5.33 11.03
CA GLY A 32 -16.49 4.66 10.38
C GLY A 32 -16.78 4.46 8.90
N HIS A 33 -16.04 3.55 8.24
CA HIS A 33 -16.25 3.27 6.81
C HIS A 33 -17.54 2.47 6.57
N PHE A 34 -17.82 1.46 7.42
CA PHE A 34 -18.99 0.58 7.26
C PHE A 34 -20.08 0.72 8.32
N GLY A 35 -19.73 1.19 9.50
CA GLY A 35 -20.68 1.36 10.61
C GLY A 35 -20.74 2.74 11.22
N LYS A 36 -21.74 2.96 12.09
CA LYS A 36 -21.93 4.23 12.80
C LYS A 36 -22.58 4.00 14.16
N VAL A 37 -22.31 4.90 15.10
CA VAL A 37 -22.91 4.85 16.43
C VAL A 37 -23.77 6.09 16.60
N GLU A 38 -25.02 5.90 17.09
CA GLU A 38 -25.95 7.02 17.31
C GLU A 38 -26.48 7.02 18.73
N LEU A 39 -26.77 8.23 19.25
CA LEU A 39 -27.42 8.41 20.54
C LEU A 39 -28.92 8.34 20.28
N CYS A 40 -29.60 7.40 20.96
CA CYS A 40 -31.06 7.19 20.89
C CYS A 40 -31.64 7.24 22.30
N ARG A 41 -32.97 7.44 22.40
CA ARG A 41 -33.64 7.30 23.70
C ARG A 41 -34.68 6.20 23.51
N TYR A 42 -34.69 5.18 24.40
CA TYR A 42 -35.70 4.12 24.30
C TYR A 42 -36.86 4.60 25.15
N ASP A 43 -37.92 5.10 24.47
CA ASP A 43 -39.02 5.77 25.16
C ASP A 43 -40.41 5.10 25.02
N PRO A 44 -40.63 3.89 25.64
CA PRO A 44 -41.94 3.23 25.53
C PRO A 44 -43.13 4.05 26.04
N GLU A 45 -42.89 4.96 27.00
CA GLU A 45 -43.93 5.82 27.59
C GLU A 45 -44.26 7.06 26.72
N GLY A 46 -43.37 7.41 25.79
CA GLY A 46 -43.53 8.53 24.86
C GLY A 46 -43.53 9.93 25.43
N ASP A 47 -42.86 10.16 26.57
CA ASP A 47 -42.81 11.47 27.21
C ASP A 47 -41.37 11.98 27.45
N ASN A 48 -40.38 11.39 26.75
CA ASN A 48 -38.94 11.71 26.82
C ASN A 48 -38.31 11.41 28.20
N THR A 49 -38.85 10.41 28.94
CA THR A 49 -38.30 10.02 30.25
C THR A 49 -37.50 8.72 30.18
N GLY A 50 -37.52 8.07 29.01
CA GLY A 50 -36.81 6.83 28.74
C GLY A 50 -35.31 6.94 28.86
N GLU A 51 -34.63 5.80 28.94
CA GLU A 51 -33.18 5.74 29.09
C GLU A 51 -32.44 6.04 27.76
N GLN A 52 -31.33 6.82 27.83
CA GLN A 52 -30.48 7.09 26.67
C GLN A 52 -29.59 5.87 26.47
N VAL A 53 -29.38 5.50 25.22
CA VAL A 53 -28.58 4.32 24.81
CA VAL A 53 -28.58 4.35 24.84
C VAL A 53 -27.73 4.63 23.58
N ALA A 54 -26.60 3.92 23.43
CA ALA A 54 -25.74 4.05 22.25
C ALA A 54 -26.12 2.89 21.32
N VAL A 55 -26.36 3.19 20.04
CA VAL A 55 -26.82 2.20 19.07
C VAL A 55 -25.86 2.09 17.88
N LYS A 56 -25.27 0.89 17.66
CA LYS A 56 -24.37 0.64 16.53
C LYS A 56 -25.13 -0.05 15.40
N SER A 57 -24.95 0.44 14.18
CA SER A 57 -25.61 -0.13 13.00
C SER A 57 -24.69 -0.02 11.78
N LEU A 58 -25.03 -0.73 10.71
CA LEU A 58 -24.25 -0.64 9.49
C LEU A 58 -24.86 0.40 8.56
N LYS A 59 -24.02 0.96 7.67
CA LYS A 59 -24.43 1.92 6.64
C LYS A 59 -25.13 1.13 5.53
N PRO A 60 -26.18 1.67 4.86
CA PRO A 60 -26.84 0.92 3.78
C PRO A 60 -25.99 0.79 2.52
N ASN A 65 -19.69 -10.16 3.63
CA ASN A 65 -20.92 -9.60 4.20
C ASN A 65 -20.64 -8.94 5.56
N HIS A 66 -20.89 -7.63 5.64
CA HIS A 66 -20.68 -6.86 6.87
C HIS A 66 -21.76 -7.16 7.91
N ILE A 67 -22.97 -7.57 7.47
CA ILE A 67 -24.10 -7.94 8.34
C ILE A 67 -23.72 -9.15 9.21
N ALA A 68 -23.06 -10.15 8.59
CA ALA A 68 -22.58 -11.35 9.28
C ALA A 68 -21.56 -11.00 10.39
N ASP A 69 -20.63 -10.07 10.11
CA ASP A 69 -19.60 -9.63 11.06
C ASP A 69 -20.24 -8.95 12.27
N LEU A 70 -21.26 -8.09 12.04
CA LEU A 70 -21.97 -7.42 13.13
C LEU A 70 -22.68 -8.45 14.03
N LYS A 71 -23.28 -9.50 13.44
CA LYS A 71 -23.93 -10.52 14.23
C LYS A 71 -22.94 -11.27 15.14
N LYS A 72 -21.72 -11.53 14.64
CA LYS A 72 -20.66 -12.17 15.43
C LYS A 72 -20.14 -11.24 16.54
N GLU A 73 -20.02 -9.93 16.24
CA GLU A 73 -19.61 -8.88 17.17
C GLU A 73 -20.62 -8.78 18.35
N ILE A 74 -21.94 -8.83 18.03
CA ILE A 74 -23.03 -8.77 19.00
C ILE A 74 -22.94 -9.93 19.99
N GLU A 75 -22.73 -11.16 19.48
CA GLU A 75 -22.62 -12.36 20.31
C GLU A 75 -21.36 -12.35 21.17
N ILE A 76 -20.25 -11.73 20.69
CA ILE A 76 -19.04 -11.58 21.51
C ILE A 76 -19.37 -10.67 22.72
N LEU A 77 -19.90 -9.46 22.44
CA LEU A 77 -20.18 -8.49 23.50
C LEU A 77 -21.26 -8.96 24.50
N ARG A 78 -22.28 -9.69 24.01
CA ARG A 78 -23.34 -10.22 24.86
C ARG A 78 -22.79 -11.08 26.01
N ASN A 79 -21.68 -11.77 25.74
CA ASN A 79 -21.07 -12.68 26.68
C ASN A 79 -19.84 -12.12 27.43
N LEU A 80 -19.52 -10.80 27.31
CA LEU A 80 -18.40 -10.21 28.03
C LEU A 80 -18.95 -9.41 29.24
N TYR A 81 -18.42 -9.68 30.45
CA TYR A 81 -18.86 -8.99 31.66
C TYR A 81 -17.65 -8.54 32.49
N HIS A 82 -17.28 -7.25 32.39
CA HIS A 82 -16.13 -6.70 33.14
C HIS A 82 -16.31 -5.18 33.35
N GLU A 83 -15.87 -4.63 34.51
CA GLU A 83 -16.05 -3.19 34.81
C GLU A 83 -15.35 -2.24 33.82
N ASN A 84 -14.36 -2.74 33.06
CA ASN A 84 -13.67 -1.96 32.04
C ASN A 84 -14.00 -2.38 30.58
N ILE A 85 -15.19 -3.01 30.38
CA ILE A 85 -15.72 -3.38 29.05
C ILE A 85 -17.12 -2.75 28.99
N VAL A 86 -17.41 -2.00 27.92
CA VAL A 86 -18.73 -1.33 27.75
C VAL A 86 -19.86 -2.35 27.91
N LYS A 87 -20.95 -1.95 28.61
CA LYS A 87 -22.07 -2.85 28.88
C LYS A 87 -22.99 -3.06 27.69
N TYR A 88 -23.24 -4.34 27.34
CA TYR A 88 -24.23 -4.74 26.32
C TYR A 88 -25.60 -4.53 26.96
N LYS A 89 -26.54 -3.96 26.21
CA LYS A 89 -27.91 -3.81 26.71
C LYS A 89 -28.88 -4.69 25.94
N GLY A 90 -28.71 -4.80 24.61
CA GLY A 90 -29.59 -5.64 23.81
C GLY A 90 -29.46 -5.47 22.32
N ILE A 91 -30.55 -5.84 21.59
CA ILE A 91 -30.64 -5.75 20.14
C ILE A 91 -31.98 -5.19 19.67
N CYS A 92 -31.98 -4.63 18.44
CA CYS A 92 -33.18 -4.17 17.72
C CYS A 92 -33.11 -4.90 16.37
N THR A 93 -34.04 -5.84 16.13
CA THR A 93 -34.03 -6.64 14.89
C THR A 93 -34.81 -5.97 13.76
N GLY A 99 -31.53 -7.53 9.06
CA GLY A 99 -31.26 -6.27 9.72
C GLY A 99 -31.17 -6.39 11.23
N ILE A 100 -30.12 -5.80 11.84
CA ILE A 100 -29.89 -5.84 13.29
C ILE A 100 -29.08 -4.63 13.78
N LYS A 101 -29.41 -4.15 15.00
CA LYS A 101 -28.75 -3.03 15.67
C LYS A 101 -28.28 -3.53 17.03
N LEU A 102 -27.07 -3.12 17.43
CA LEU A 102 -26.47 -3.46 18.73
C LEU A 102 -26.77 -2.31 19.69
N ILE A 103 -27.39 -2.60 20.83
CA ILE A 103 -27.76 -1.59 21.83
C ILE A 103 -26.80 -1.71 23.01
N MET A 104 -26.19 -0.59 23.44
CA MET A 104 -25.21 -0.55 24.54
C MET A 104 -25.44 0.63 25.50
N GLU A 105 -24.80 0.62 26.69
CA GLU A 105 -24.93 1.81 27.58
C GLU A 105 -24.34 3.07 26.90
N PHE A 106 -24.88 4.27 27.21
CA PHE A 106 -24.38 5.52 26.67
C PHE A 106 -23.37 6.19 27.64
N LEU A 107 -22.14 6.49 27.16
CA LEU A 107 -21.12 7.18 27.99
C LEU A 107 -20.94 8.60 27.39
N PRO A 108 -21.55 9.67 28.01
CA PRO A 108 -21.56 11.00 27.38
C PRO A 108 -20.22 11.70 27.12
N SER A 109 -19.15 11.26 27.81
CA SER A 109 -17.81 11.81 27.61
C SER A 109 -17.13 11.36 26.31
N GLY A 110 -17.66 10.31 25.67
CA GLY A 110 -17.15 9.77 24.41
C GLY A 110 -15.83 9.04 24.52
N SER A 111 -15.01 9.08 23.46
CA SER A 111 -13.70 8.39 23.52
C SER A 111 -12.55 9.24 24.08
N LEU A 112 -11.40 8.59 24.44
CA LEU A 112 -10.20 9.31 24.92
C LEU A 112 -9.71 10.32 23.89
N LYS A 113 -9.86 9.99 22.59
CA LYS A 113 -9.45 10.84 21.47
C LYS A 113 -10.14 12.22 21.53
N GLU A 114 -11.41 12.29 21.99
CA GLU A 114 -12.10 13.57 22.13
C GLU A 114 -12.03 14.14 23.56
N TYR A 115 -11.94 13.29 24.59
CA TYR A 115 -11.95 13.71 25.99
C TYR A 115 -10.61 14.30 26.47
N LEU A 116 -9.50 13.60 26.19
CA LEU A 116 -8.17 14.03 26.65
C LEU A 116 -7.76 15.44 26.18
N PRO A 117 -7.93 15.86 24.89
CA PRO A 117 -7.47 17.23 24.53
C PRO A 117 -8.19 18.33 25.31
N LYS A 118 -9.44 18.05 25.77
CA LYS A 118 -10.29 19.01 26.48
C LYS A 118 -10.17 18.92 27.99
N ASN A 119 -9.39 17.97 28.54
CA ASN A 119 -9.31 17.80 30.00
C ASN A 119 -7.88 17.63 30.58
N LYS A 120 -6.83 18.17 29.91
CA LYS A 120 -5.44 18.10 30.38
CA LYS A 120 -5.43 18.09 30.37
C LYS A 120 -5.28 18.59 31.82
N ASN A 121 -6.02 19.65 32.20
CA ASN A 121 -5.89 20.18 33.57
C ASN A 121 -6.35 19.19 34.66
N LYS A 122 -7.37 18.38 34.36
CA LYS A 122 -8.00 17.38 35.25
C LYS A 122 -7.24 16.03 35.30
N ILE A 123 -6.66 15.61 34.16
CA ILE A 123 -6.00 14.32 34.00
C ILE A 123 -4.49 14.46 34.08
N ASN A 124 -3.93 14.19 35.27
CA ASN A 124 -2.48 14.27 35.52
C ASN A 124 -1.84 12.89 35.27
N LEU A 125 -0.52 12.77 35.50
CA LEU A 125 0.22 11.51 35.28
C LEU A 125 -0.34 10.34 36.10
N LYS A 126 -0.66 10.60 37.38
CA LYS A 126 -1.27 9.59 38.26
C LYS A 126 -2.61 9.05 37.67
N GLN A 127 -3.45 9.94 37.10
CA GLN A 127 -4.68 9.50 36.45
C GLN A 127 -4.39 8.77 35.12
N GLN A 128 -3.39 9.24 34.34
CA GLN A 128 -3.03 8.57 33.08
C GLN A 128 -2.60 7.12 33.35
N LEU A 129 -1.79 6.89 34.39
CA LEU A 129 -1.35 5.52 34.73
C LEU A 129 -2.48 4.63 35.27
N LYS A 130 -3.49 5.21 36.00
CA LYS A 130 -4.67 4.45 36.47
C LYS A 130 -5.54 4.01 35.26
N TYR A 131 -5.72 4.92 34.27
CA TYR A 131 -6.43 4.62 33.03
C TYR A 131 -5.68 3.46 32.31
N ALA A 132 -4.30 3.50 32.32
CA ALA A 132 -3.49 2.46 31.64
C ALA A 132 -3.74 1.10 32.32
N VAL A 133 -3.74 1.06 33.68
CA VAL A 133 -4.07 -0.15 34.45
C VAL A 133 -5.47 -0.71 34.06
N GLN A 134 -6.47 0.17 33.96
CA GLN A 134 -7.85 -0.19 33.60
C GLN A 134 -7.94 -0.79 32.18
N ILE A 135 -7.25 -0.19 31.19
CA ILE A 135 -7.21 -0.70 29.81
C ILE A 135 -6.59 -2.10 29.85
N CYS A 136 -5.50 -2.28 30.60
CA CYS A 136 -4.86 -3.58 30.76
C CYS A 136 -5.76 -4.64 31.40
N LYS A 137 -6.57 -4.28 32.40
CA LYS A 137 -7.47 -5.19 33.08
C LYS A 137 -8.57 -5.69 32.14
N GLY A 138 -9.17 -4.78 31.37
CA GLY A 138 -10.19 -5.14 30.39
C GLY A 138 -9.63 -6.04 29.30
N MET A 139 -8.41 -5.70 28.81
CA MET A 139 -7.72 -6.47 27.77
C MET A 139 -7.28 -7.85 28.28
N ASP A 140 -6.78 -7.95 29.54
CA ASP A 140 -6.41 -9.26 30.10
C ASP A 140 -7.63 -10.18 30.23
N TYR A 141 -8.81 -9.59 30.55
CA TYR A 141 -10.04 -10.35 30.66
C TYR A 141 -10.43 -10.92 29.27
N LEU A 142 -10.35 -10.08 28.22
CA LEU A 142 -10.68 -10.47 26.83
C LEU A 142 -9.81 -11.66 26.38
N GLY A 143 -8.50 -11.57 26.64
CA GLY A 143 -7.53 -12.63 26.36
C GLY A 143 -7.80 -13.93 27.11
N SER A 144 -8.27 -13.84 28.37
CA SER A 144 -8.62 -15.02 29.18
C SER A 144 -9.86 -15.76 28.59
N ARG A 145 -10.66 -15.04 27.79
CA ARG A 145 -11.83 -15.57 27.09
C ARG A 145 -11.45 -16.05 25.69
N GLN A 146 -10.14 -16.09 25.38
CA GLN A 146 -9.55 -16.60 24.13
C GLN A 146 -9.91 -15.73 22.90
N TYR A 147 -9.91 -14.40 23.07
CA TYR A 147 -10.17 -13.48 21.98
C TYR A 147 -9.00 -12.51 21.78
N VAL A 148 -8.77 -12.12 20.51
CA VAL A 148 -7.77 -11.12 20.13
CA VAL A 148 -7.77 -11.10 20.12
C VAL A 148 -8.54 -9.92 19.53
N HIS A 149 -8.34 -8.71 20.10
CA HIS A 149 -9.07 -7.50 19.70
C HIS A 149 -8.75 -6.97 18.26
N ARG A 150 -7.46 -6.90 17.91
CA ARG A 150 -6.95 -6.42 16.59
C ARG A 150 -7.16 -4.90 16.31
N ASP A 151 -7.79 -4.13 17.21
CA ASP A 151 -8.08 -2.72 16.94
C ASP A 151 -7.91 -1.80 18.17
N LEU A 152 -6.98 -2.17 19.10
CA LEU A 152 -6.80 -1.37 20.30
C LEU A 152 -6.10 -0.02 20.05
N ALA A 153 -6.86 1.06 20.16
CA ALA A 153 -6.43 2.45 19.93
C ALA A 153 -7.26 3.38 20.81
N ALA A 154 -6.79 4.63 21.07
CA ALA A 154 -7.53 5.57 21.91
C ALA A 154 -8.96 5.81 21.45
N ARG A 155 -9.20 5.89 20.13
CA ARG A 155 -10.56 6.06 19.58
C ARG A 155 -11.55 4.99 20.06
N ASN A 156 -11.05 3.80 20.47
CA ASN A 156 -11.90 2.68 20.93
C ASN A 156 -11.98 2.55 22.43
N VAL A 157 -11.43 3.53 23.18
CA VAL A 157 -11.52 3.51 24.65
C VAL A 157 -12.48 4.62 25.02
N LEU A 158 -13.56 4.30 25.74
CA LEU A 158 -14.55 5.29 26.17
C LEU A 158 -14.31 5.79 27.59
N VAL A 159 -14.78 7.00 27.90
CA VAL A 159 -14.60 7.59 29.21
C VAL A 159 -15.91 7.52 29.98
N GLU A 160 -15.92 6.76 31.07
CA GLU A 160 -17.09 6.64 31.96
C GLU A 160 -17.13 7.90 32.88
N SER A 161 -15.97 8.27 33.43
CA SER A 161 -15.78 9.42 34.30
C SER A 161 -14.29 9.82 34.33
N GLU A 162 -13.93 10.87 35.09
CA GLU A 162 -12.51 11.23 35.20
C GLU A 162 -11.72 10.11 35.92
N HIS A 163 -12.45 9.14 36.53
CA HIS A 163 -11.82 8.04 37.27
C HIS A 163 -11.95 6.66 36.61
N GLN A 164 -12.66 6.54 35.46
CA GLN A 164 -12.87 5.22 34.83
C GLN A 164 -12.98 5.25 33.31
N VAL A 165 -12.31 4.27 32.65
CA VAL A 165 -12.38 4.04 31.20
C VAL A 165 -12.91 2.62 30.93
N LYS A 166 -13.40 2.39 29.68
CA LYS A 166 -13.92 1.08 29.27
C LYS A 166 -13.53 0.83 27.82
N ILE A 167 -13.17 -0.42 27.47
CA ILE A 167 -12.96 -0.80 26.06
C ILE A 167 -14.37 -0.76 25.41
N GLY A 168 -14.52 0.05 24.36
CA GLY A 168 -15.83 0.39 23.80
C GLY A 168 -16.26 -0.11 22.44
N ASP A 169 -15.44 -0.98 21.80
CA ASP A 169 -15.76 -1.53 20.46
C ASP A 169 -15.07 -2.84 20.25
N PHE A 170 -15.72 -3.76 19.53
CA PHE A 170 -15.18 -5.11 19.29
C PHE A 170 -15.41 -5.49 17.82
N GLY A 171 -15.39 -4.50 16.93
CA GLY A 171 -15.63 -4.68 15.50
C GLY A 171 -14.72 -5.64 14.75
N LEU A 172 -13.44 -5.79 15.20
CA LEU A 172 -12.43 -6.65 14.55
C LEU A 172 -12.03 -7.90 15.38
N THR A 173 -12.66 -8.10 16.55
CA THR A 173 -12.38 -9.18 17.53
C THR A 173 -12.57 -10.60 16.94
N LYS A 174 -11.57 -11.50 17.14
CA LYS A 174 -11.60 -12.87 16.63
C LYS A 174 -11.30 -13.85 17.74
N ALA A 175 -11.89 -15.07 17.68
CA ALA A 175 -11.56 -16.10 18.68
C ALA A 175 -10.31 -16.84 18.21
N ILE A 176 -9.36 -17.10 19.11
CA ILE A 176 -8.17 -17.90 18.80
C ILE A 176 -8.54 -19.34 19.13
N GLU A 177 -8.27 -20.27 18.19
CA GLU A 177 -8.57 -21.69 18.39
C GLU A 177 -7.82 -22.27 19.60
N THR A 178 -8.49 -23.19 20.32
CA THR A 178 -7.93 -23.87 21.50
C THR A 178 -6.62 -24.56 21.11
N ASP A 179 -5.57 -24.36 21.91
CA ASP A 179 -4.21 -24.90 21.76
C ASP A 179 -3.46 -24.33 20.53
N LYS A 180 -3.92 -23.17 20.00
CA LYS A 180 -3.27 -22.42 18.92
C LYS A 180 -2.86 -21.07 19.52
N GLU A 181 -1.84 -20.42 18.92
CA GLU A 181 -1.34 -19.16 19.47
C GLU A 181 -1.82 -17.94 18.71
N PTR A 182 -2.38 -18.12 17.50
CA PTR A 182 -2.79 -16.99 16.68
C PTR A 182 -3.94 -17.28 15.72
O PTR A 182 -4.21 -18.44 15.42
CB PTR A 182 -1.57 -16.50 15.86
CG PTR A 182 -1.05 -17.48 14.84
CD1 PTR A 182 0.02 -18.33 15.15
CD2 PTR A 182 -1.56 -17.51 13.55
CE1 PTR A 182 0.53 -19.21 14.20
CE2 PTR A 182 -1.08 -18.41 12.61
CZ PTR A 182 -0.03 -19.26 12.93
OH PTR A 182 0.49 -20.08 11.93
P PTR A 182 0.54 -21.66 11.95
O1P PTR A 182 1.42 -22.16 13.09
O2P PTR A 182 -0.89 -22.13 12.04
O3P PTR A 182 1.09 -22.07 10.57
N PTR A 183 -4.58 -16.21 15.22
CA PTR A 183 -5.64 -16.24 14.21
C PTR A 183 -5.11 -15.52 12.95
O PTR A 183 -4.55 -14.43 13.07
CB PTR A 183 -6.92 -15.49 14.68
CG PTR A 183 -8.13 -15.77 13.83
CD1 PTR A 183 -8.47 -14.95 12.76
CD2 PTR A 183 -8.92 -16.89 14.06
CE1 PTR A 183 -9.54 -15.22 11.94
CE2 PTR A 183 -10.01 -17.18 13.24
CZ PTR A 183 -10.33 -16.34 12.19
OH PTR A 183 -11.45 -16.72 11.40
P PTR A 183 -12.23 -15.94 10.27
O1P PTR A 183 -11.43 -15.80 8.99
O2P PTR A 183 -13.52 -16.75 10.07
O3P PTR A 183 -12.64 -14.62 10.85
N THR A 184 -5.28 -16.13 11.77
CA THR A 184 -4.87 -15.53 10.48
C THR A 184 -6.07 -14.81 9.83
N VAL A 185 -5.92 -13.52 9.50
CA VAL A 185 -7.02 -12.75 8.89
C VAL A 185 -6.78 -12.55 7.37
N LYS A 186 -7.77 -12.93 6.55
CA LYS A 186 -7.73 -12.82 5.08
C LYS A 186 -8.12 -11.41 4.64
N ASP A 187 -9.24 -10.88 5.17
CA ASP A 187 -9.70 -9.53 4.83
C ASP A 187 -8.97 -8.52 5.72
N ASP A 188 -7.79 -8.07 5.26
CA ASP A 188 -6.93 -7.11 5.95
C ASP A 188 -7.06 -5.68 5.40
N ARG A 189 -8.16 -5.41 4.64
CA ARG A 189 -8.46 -4.09 4.06
C ARG A 189 -8.84 -3.11 5.17
N ASP A 190 -8.44 -1.83 5.00
CA ASP A 190 -8.66 -0.74 5.95
C ASP A 190 -8.18 -1.11 7.37
N SER A 191 -6.91 -1.54 7.46
CA SER A 191 -6.25 -1.95 8.70
C SER A 191 -5.56 -0.77 9.40
N PRO A 192 -5.61 -0.68 10.76
CA PRO A 192 -4.87 0.40 11.45
C PRO A 192 -3.37 0.05 11.54
N VAL A 193 -2.68 0.11 10.38
CA VAL A 193 -1.26 -0.29 10.23
C VAL A 193 -0.28 0.37 11.24
N PHE A 194 -0.50 1.64 11.66
CA PHE A 194 0.45 2.29 12.58
C PHE A 194 0.32 1.82 14.04
N TRP A 195 -0.64 0.91 14.33
CA TRP A 195 -0.88 0.29 15.64
C TRP A 195 -0.54 -1.22 15.58
N TYR A 196 -0.19 -1.75 14.37
CA TYR A 196 0.05 -3.18 14.15
C TYR A 196 1.50 -3.66 14.41
N ALA A 197 1.63 -4.83 15.06
CA ALA A 197 2.93 -5.46 15.35
C ALA A 197 3.52 -6.04 14.04
N PRO A 198 4.85 -6.32 13.99
CA PRO A 198 5.44 -6.83 12.73
C PRO A 198 4.81 -8.10 12.15
N GLU A 199 4.38 -9.06 13.02
CA GLU A 199 3.74 -10.32 12.55
C GLU A 199 2.39 -10.07 11.86
N CYS A 200 1.65 -9.03 12.31
CA CYS A 200 0.35 -8.62 11.73
C CYS A 200 0.58 -8.05 10.36
N LEU A 201 1.58 -7.17 10.23
CA LEU A 201 1.89 -6.53 8.94
C LEU A 201 2.48 -7.53 7.93
N MET A 202 3.47 -8.34 8.36
CA MET A 202 4.18 -9.30 7.47
C MET A 202 3.43 -10.58 7.10
N GLN A 203 2.67 -11.18 8.05
CA GLN A 203 2.01 -12.47 7.81
C GLN A 203 0.50 -12.50 8.10
N SER A 204 -0.10 -11.36 8.52
CA SER A 204 -1.53 -11.27 8.87
C SER A 204 -1.90 -12.22 10.03
N LYS A 205 -0.93 -12.43 10.95
CA LYS A 205 -1.08 -13.27 12.15
C LYS A 205 -1.33 -12.40 13.36
N PHE A 206 -2.39 -12.75 14.14
CA PHE A 206 -2.82 -12.00 15.33
C PHE A 206 -2.80 -12.87 16.58
N TYR A 207 -1.87 -12.51 17.50
CA TYR A 207 -1.63 -13.18 18.78
C TYR A 207 -2.14 -12.28 19.91
N ILE A 208 -2.28 -12.81 21.14
CA ILE A 208 -2.58 -11.97 22.32
C ILE A 208 -1.40 -10.93 22.45
N ALA A 209 -0.14 -11.38 22.18
CA ALA A 209 1.03 -10.49 22.21
C ALA A 209 0.96 -9.34 21.18
N SER A 210 0.14 -9.50 20.09
CA SER A 210 -0.11 -8.41 19.12
C SER A 210 -0.97 -7.29 19.74
N ASP A 211 -1.95 -7.65 20.61
CA ASP A 211 -2.77 -6.67 21.34
C ASP A 211 -1.88 -5.91 22.38
N VAL A 212 -0.85 -6.60 22.93
CA VAL A 212 0.12 -5.96 23.84
C VAL A 212 0.88 -4.88 23.06
N TRP A 213 1.28 -5.19 21.80
CA TRP A 213 1.97 -4.23 20.94
C TRP A 213 1.07 -3.00 20.72
N SER A 214 -0.22 -3.24 20.35
N SER A 214 -0.21 -3.25 20.38
CA SER A 214 -1.24 -2.21 20.12
CA SER A 214 -1.25 -2.21 20.14
C SER A 214 -1.47 -1.37 21.38
C SER A 214 -1.44 -1.37 21.38
N PHE A 215 -1.41 -2.03 22.56
CA PHE A 215 -1.52 -1.34 23.88
C PHE A 215 -0.38 -0.31 24.08
N GLY A 216 0.86 -0.68 23.70
CA GLY A 216 2.00 0.23 23.78
C GLY A 216 1.74 1.52 23.02
N VAL A 217 1.18 1.41 21.80
CA VAL A 217 0.84 2.55 20.94
C VAL A 217 -0.33 3.38 21.55
N THR A 218 -1.36 2.71 22.13
CA THR A 218 -2.49 3.39 22.82
C THR A 218 -1.95 4.15 24.07
N LEU A 219 -0.96 3.56 24.81
CA LEU A 219 -0.34 4.23 25.97
C LEU A 219 0.38 5.52 25.53
N HIS A 220 1.10 5.46 24.39
CA HIS A 220 1.78 6.61 23.83
C HIS A 220 0.72 7.69 23.52
N GLU A 221 -0.43 7.31 22.91
CA GLU A 221 -1.52 8.27 22.63
C GLU A 221 -2.02 8.91 23.96
N LEU A 222 -2.29 8.08 24.97
CA LEU A 222 -2.78 8.53 26.27
C LEU A 222 -1.82 9.56 26.90
N LEU A 223 -0.52 9.27 26.83
CA LEU A 223 0.51 10.12 27.44
C LEU A 223 0.71 11.47 26.68
N THR A 224 0.30 11.54 25.38
CA THR A 224 0.35 12.79 24.58
C THR A 224 -1.03 13.49 24.54
N TYR A 225 -2.01 12.99 25.34
CA TYR A 225 -3.38 13.54 25.42
C TYR A 225 -4.07 13.52 24.04
N CYS A 226 -3.74 12.51 23.21
CA CYS A 226 -4.25 12.34 21.85
C CYS A 226 -4.01 13.57 20.96
N ASP A 227 -2.81 14.19 21.08
CA ASP A 227 -2.42 15.35 20.28
C ASP A 227 -2.26 14.89 18.82
N SER A 228 -2.96 15.54 17.89
CA SER A 228 -2.96 15.21 16.46
C SER A 228 -1.57 15.28 15.82
N ASP A 229 -0.78 16.32 16.14
CA ASP A 229 0.56 16.51 15.57
C ASP A 229 1.57 15.44 16.00
N SER A 230 1.34 14.79 17.15
CA SER A 230 2.22 13.73 17.65
C SER A 230 1.51 12.37 17.69
N SER A 231 0.53 12.17 16.78
CA SER A 231 -0.20 10.91 16.65
C SER A 231 0.76 9.81 16.14
N PRO A 232 0.48 8.50 16.42
CA PRO A 232 1.38 7.43 15.91
C PRO A 232 1.60 7.48 14.40
N MET A 233 0.55 7.83 13.61
CA MET A 233 0.65 7.98 12.15
C MET A 233 1.62 9.11 11.81
N ALA A 234 1.42 10.32 12.37
CA ALA A 234 2.27 11.48 12.11
C ALA A 234 3.74 11.21 12.47
N LEU A 235 4.00 10.58 13.63
CA LEU A 235 5.35 10.25 14.08
C LEU A 235 6.07 9.20 13.21
N PHE A 236 5.36 8.14 12.79
CA PHE A 236 5.95 7.10 11.93
C PHE A 236 6.24 7.65 10.52
N LEU A 237 5.36 8.51 9.99
CA LEU A 237 5.49 9.13 8.66
C LEU A 237 6.69 10.08 8.57
N LYS A 238 7.11 10.68 9.72
CA LYS A 238 8.27 11.55 9.77
C LYS A 238 9.53 10.67 9.72
N MET A 239 9.45 9.50 10.38
CA MET A 239 10.48 8.47 10.47
C MET A 239 10.73 7.74 9.13
N ILE A 240 9.66 7.52 8.34
CA ILE A 240 9.73 6.76 7.08
C ILE A 240 9.67 7.63 5.79
N GLY A 241 8.97 8.76 5.87
CA GLY A 241 8.74 9.67 4.75
C GLY A 241 7.28 9.65 4.34
N PRO A 242 6.59 10.81 4.21
CA PRO A 242 5.17 10.78 3.81
C PRO A 242 4.97 10.73 2.28
N THR A 243 6.02 10.34 1.54
CA THR A 243 6.03 10.25 0.08
C THR A 243 6.30 8.81 -0.39
N HIS A 244 5.34 7.88 -0.14
CA HIS A 244 5.51 6.48 -0.54
C HIS A 244 4.23 5.85 -1.11
N GLY A 245 3.07 6.17 -0.55
CA GLY A 245 1.77 5.65 -0.97
C GLY A 245 1.60 4.16 -0.73
N GLN A 246 1.66 3.35 -1.82
CA GLN A 246 1.51 1.89 -1.77
C GLN A 246 2.74 1.21 -1.14
N MET A 247 3.83 1.96 -0.94
CA MET A 247 5.10 1.49 -0.39
C MET A 247 5.26 1.77 1.12
N THR A 248 4.26 2.47 1.71
CA THR A 248 4.22 2.87 3.12
C THR A 248 4.46 1.69 4.09
N VAL A 249 3.69 0.59 3.94
CA VAL A 249 3.77 -0.58 4.84
C VAL A 249 5.16 -1.27 4.77
N THR A 250 5.75 -1.44 3.56
CA THR A 250 7.09 -2.06 3.44
C THR A 250 8.15 -1.22 4.19
N ARG A 251 8.03 0.10 4.06
CA ARG A 251 8.90 1.10 4.68
C ARG A 251 8.74 1.05 6.22
N LEU A 252 7.49 0.90 6.70
CA LEU A 252 7.18 0.76 8.12
C LEU A 252 7.83 -0.53 8.69
N VAL A 253 7.67 -1.67 7.97
CA VAL A 253 8.25 -2.97 8.37
C VAL A 253 9.78 -2.85 8.48
N ASN A 254 10.43 -2.19 7.50
CA ASN A 254 11.89 -1.99 7.49
C ASN A 254 12.41 -1.21 8.69
N THR A 255 11.68 -0.14 9.08
CA THR A 255 11.98 0.74 10.22
C THR A 255 11.94 -0.07 11.54
N LEU A 256 10.90 -0.90 11.72
CA LEU A 256 10.72 -1.76 12.90
C LEU A 256 11.80 -2.85 12.96
N LYS A 257 12.12 -3.48 11.81
CA LYS A 257 13.17 -4.51 11.71
C LYS A 257 14.54 -3.94 12.09
N GLU A 258 14.76 -2.64 11.79
CA GLU A 258 15.99 -1.91 12.10
C GLU A 258 16.09 -1.59 13.60
N GLY A 259 15.00 -1.81 14.36
CA GLY A 259 14.96 -1.57 15.80
C GLY A 259 14.45 -0.20 16.21
N LYS A 260 13.98 0.62 15.24
CA LYS A 260 13.45 1.96 15.52
C LYS A 260 12.05 1.86 16.13
N ARG A 261 11.73 2.75 17.07
CA ARG A 261 10.42 2.77 17.76
C ARG A 261 9.96 4.22 17.97
N LEU A 262 8.68 4.40 18.37
CA LEU A 262 8.12 5.70 18.68
C LEU A 262 8.94 6.32 19.83
N PRO A 263 9.19 7.65 19.81
CA PRO A 263 10.00 8.26 20.88
C PRO A 263 9.24 8.41 22.20
N CYS A 264 9.96 8.72 23.28
CA CYS A 264 9.37 8.97 24.61
C CYS A 264 8.44 10.21 24.55
N PRO A 265 7.18 10.10 25.04
CA PRO A 265 6.28 11.27 25.01
C PRO A 265 6.83 12.43 25.85
N PRO A 266 6.44 13.69 25.58
CA PRO A 266 6.95 14.81 26.39
C PRO A 266 6.51 14.65 27.84
N ASN A 267 7.43 14.93 28.78
CA ASN A 267 7.21 14.85 30.23
C ASN A 267 6.93 13.42 30.75
N CYS A 268 7.10 12.36 29.90
CA CYS A 268 6.91 10.99 30.33
C CYS A 268 8.21 10.50 31.04
N PRO A 269 8.12 10.05 32.30
CA PRO A 269 9.32 9.55 32.99
C PRO A 269 9.88 8.29 32.32
N ASP A 270 11.20 8.11 32.38
CA ASP A 270 11.90 6.95 31.80
C ASP A 270 11.34 5.59 32.23
N GLU A 271 10.97 5.45 33.53
CA GLU A 271 10.40 4.19 34.06
C GLU A 271 9.11 3.80 33.32
N VAL A 272 8.29 4.80 32.92
CA VAL A 272 7.04 4.55 32.17
C VAL A 272 7.39 4.15 30.74
N TYR A 273 8.31 4.90 30.06
CA TYR A 273 8.76 4.60 28.71
C TYR A 273 9.35 3.20 28.58
N GLN A 274 10.12 2.76 29.60
CA GLN A 274 10.70 1.40 29.59
C GLN A 274 9.61 0.32 29.58
N LEU A 275 8.48 0.55 30.30
CA LEU A 275 7.36 -0.39 30.30
C LEU A 275 6.71 -0.45 28.89
N MET A 276 6.56 0.73 28.26
CA MET A 276 6.03 0.89 26.89
C MET A 276 6.94 0.13 25.90
N ARG A 277 8.29 0.23 26.08
CA ARG A 277 9.26 -0.45 25.22
C ARG A 277 9.15 -1.97 25.29
N LYS A 278 8.70 -2.51 26.45
CA LYS A 278 8.51 -3.95 26.65
C LYS A 278 7.32 -4.52 25.84
N CYS A 279 6.45 -3.63 25.36
CA CYS A 279 5.29 -3.96 24.51
C CYS A 279 5.77 -4.14 23.07
N TRP A 280 6.95 -3.60 22.74
CA TRP A 280 7.44 -3.55 21.38
C TRP A 280 8.66 -4.42 21.06
N GLU A 281 8.85 -5.53 21.81
CA GLU A 281 9.92 -6.50 21.49
C GLU A 281 9.53 -7.08 20.11
N PHE A 282 10.49 -7.21 19.17
CA PHE A 282 10.19 -7.66 17.81
C PHE A 282 9.39 -8.98 17.75
N GLN A 283 9.86 -10.03 18.47
CA GLN A 283 9.22 -11.33 18.52
C GLN A 283 8.04 -11.31 19.49
N PRO A 284 6.83 -11.78 19.08
CA PRO A 284 5.70 -11.76 20.03
C PRO A 284 5.96 -12.51 21.34
N SER A 285 6.69 -13.64 21.29
CA SER A 285 6.99 -14.49 22.46
C SER A 285 7.87 -13.83 23.54
N ASN A 286 8.53 -12.69 23.21
CA ASN A 286 9.40 -11.96 24.15
C ASN A 286 8.71 -10.77 24.86
N ARG A 287 7.50 -10.38 24.37
CA ARG A 287 6.79 -9.22 24.93
C ARG A 287 6.26 -9.44 26.34
N THR A 288 6.16 -8.34 27.11
CA THR A 288 5.55 -8.33 28.43
C THR A 288 4.07 -8.80 28.31
N SER A 289 3.53 -9.34 29.41
CA SER A 289 2.12 -9.74 29.47
C SER A 289 1.33 -8.53 29.98
N PHE A 290 -0.01 -8.54 29.87
CA PHE A 290 -0.83 -7.49 30.46
C PHE A 290 -0.69 -7.48 31.99
N GLN A 291 -0.62 -8.69 32.62
CA GLN A 291 -0.44 -8.77 34.07
C GLN A 291 0.90 -8.13 34.56
N ASN A 292 1.99 -8.33 33.79
CA ASN A 292 3.29 -7.73 34.15
C ASN A 292 3.22 -6.21 34.06
N LEU A 293 2.48 -5.68 33.05
CA LEU A 293 2.27 -4.23 32.91
C LEU A 293 1.49 -3.65 34.09
N ILE A 294 0.41 -4.35 34.53
CA ILE A 294 -0.42 -3.92 35.67
C ILE A 294 0.46 -3.77 36.92
N GLU A 295 1.30 -4.79 37.21
CA GLU A 295 2.20 -4.78 38.37
C GLU A 295 3.22 -3.64 38.29
N GLY A 296 3.75 -3.40 37.09
CA GLY A 296 4.71 -2.34 36.80
C GLY A 296 4.12 -0.96 37.11
N PHE A 297 2.89 -0.72 36.61
CA PHE A 297 2.19 0.56 36.83
C PHE A 297 1.79 0.71 38.30
N GLU A 298 1.30 -0.39 38.94
CA GLU A 298 0.91 -0.34 40.35
C GLU A 298 2.11 0.02 41.25
N ALA A 299 3.32 -0.47 40.93
CA ALA A 299 4.54 -0.16 41.68
C ALA A 299 4.92 1.34 41.58
N LEU A 300 4.71 1.95 40.41
CA LEU A 300 5.00 3.36 40.17
C LEU A 300 3.95 4.25 40.84
N LEU A 301 2.74 3.70 41.09
CA LEU A 301 1.63 4.43 41.70
C LEU A 301 1.71 4.50 43.23
N LYS A 302 2.42 3.53 43.86
CA LYS A 302 2.59 3.42 45.32
C LYS A 302 3.31 4.61 45.95
N VAL B 13 19.15 28.71 -38.77
CA VAL B 13 18.04 27.98 -38.15
C VAL B 13 18.54 26.68 -37.49
N ASP B 14 18.11 26.43 -36.23
CA ASP B 14 18.45 25.22 -35.48
C ASP B 14 17.39 24.16 -35.83
N PRO B 15 17.75 23.02 -36.49
CA PRO B 15 16.72 22.02 -36.86
C PRO B 15 16.05 21.30 -35.67
N THR B 16 16.62 21.46 -34.46
CA THR B 16 16.10 20.85 -33.23
C THR B 16 15.24 21.84 -32.43
N HIS B 17 15.03 23.06 -32.96
CA HIS B 17 14.22 24.07 -32.30
C HIS B 17 12.87 24.18 -33.02
N PHE B 18 11.77 23.76 -32.36
CA PHE B 18 10.41 23.77 -32.93
C PHE B 18 9.62 24.99 -32.42
N GLU B 19 9.24 25.90 -33.33
CA GLU B 19 8.50 27.12 -32.98
C GLU B 19 7.07 26.77 -32.58
N LYS B 20 6.59 27.33 -31.45
CA LYS B 20 5.23 27.10 -30.93
C LYS B 20 4.14 27.41 -32.00
N ARG B 21 4.33 28.50 -32.77
CA ARG B 21 3.34 28.96 -33.77
C ARG B 21 3.10 27.98 -34.95
N PHE B 22 4.05 27.07 -35.22
CA PHE B 22 3.92 26.09 -36.31
C PHE B 22 3.60 24.66 -35.83
N LEU B 23 3.59 24.41 -34.50
CA LEU B 23 3.34 23.08 -33.95
C LEU B 23 1.83 22.93 -33.74
N LYS B 24 1.16 22.29 -34.71
CA LYS B 24 -0.29 22.16 -34.78
C LYS B 24 -0.83 20.82 -34.29
N ARG B 25 -1.64 20.86 -33.21
CA ARG B 25 -2.25 19.67 -32.60
C ARG B 25 -3.22 18.94 -33.53
N ILE B 26 -3.18 17.60 -33.49
CA ILE B 26 -4.11 16.74 -34.22
C ILE B 26 -5.01 16.02 -33.21
N ARG B 27 -4.42 15.24 -32.27
CA ARG B 27 -5.15 14.45 -31.27
C ARG B 27 -4.22 13.94 -30.16
N ASP B 28 -4.80 13.43 -29.05
CA ASP B 28 -4.03 12.84 -27.95
C ASP B 28 -3.65 11.41 -28.32
N LEU B 29 -2.46 10.95 -27.87
CA LEU B 29 -2.02 9.58 -28.10
C LEU B 29 -2.15 8.74 -26.83
N GLY B 30 -1.88 9.36 -25.69
CA GLY B 30 -1.98 8.72 -24.39
C GLY B 30 -1.51 9.64 -23.29
N GLU B 31 -1.80 9.26 -22.03
CA GLU B 31 -1.39 10.05 -20.87
C GLU B 31 -1.07 9.16 -19.68
N GLY B 32 -0.18 9.65 -18.82
CA GLY B 32 0.23 9.01 -17.57
C GLY B 32 -0.32 9.83 -16.41
N HIS B 33 0.32 9.73 -15.24
CA HIS B 33 -0.10 10.49 -14.05
C HIS B 33 0.18 11.98 -14.23
N PHE B 34 1.43 12.34 -14.60
CA PHE B 34 1.84 13.74 -14.72
C PHE B 34 2.10 14.23 -16.16
N GLY B 35 2.43 13.30 -17.06
CA GLY B 35 2.73 13.62 -18.46
C GLY B 35 1.71 13.10 -19.47
N LYS B 36 1.77 13.64 -20.70
CA LYS B 36 0.89 13.27 -21.81
C LYS B 36 1.62 13.35 -23.15
N VAL B 37 1.21 12.53 -24.13
CA VAL B 37 1.81 12.56 -25.47
C VAL B 37 0.72 12.88 -26.49
N GLU B 38 0.98 13.84 -27.40
CA GLU B 38 0.04 14.26 -28.44
C GLU B 38 0.64 14.08 -29.83
N LEU B 39 -0.23 13.86 -30.84
CA LEU B 39 0.17 13.84 -32.24
C LEU B 39 -0.02 15.26 -32.76
N CYS B 40 1.07 15.84 -33.30
CA CYS B 40 1.08 17.19 -33.88
C CYS B 40 1.68 17.12 -35.27
N ARG B 41 1.45 18.18 -36.07
CA ARG B 41 2.12 18.34 -37.36
C ARG B 41 2.92 19.62 -37.25
N TYR B 42 4.24 19.57 -37.49
CA TYR B 42 5.05 20.79 -37.48
C TYR B 42 4.89 21.34 -38.90
N ASP B 43 4.02 22.36 -39.07
CA ASP B 43 3.62 22.88 -40.38
C ASP B 43 4.04 24.34 -40.70
N PRO B 44 5.37 24.64 -40.87
CA PRO B 44 5.77 26.03 -41.19
C PRO B 44 5.23 26.61 -42.49
N GLU B 45 4.93 25.74 -43.49
CA GLU B 45 4.40 26.22 -44.77
C GLU B 45 2.88 26.43 -44.75
N GLY B 46 2.23 25.98 -43.67
CA GLY B 46 0.79 26.13 -43.43
C GLY B 46 -0.13 25.52 -44.47
N ASP B 47 0.29 24.42 -45.13
CA ASP B 47 -0.47 23.74 -46.18
C ASP B 47 -0.72 22.24 -45.91
N ASN B 48 -0.53 21.80 -44.64
CA ASN B 48 -0.75 20.41 -44.18
C ASN B 48 0.26 19.41 -44.80
N THR B 49 1.49 19.87 -45.11
CA THR B 49 2.53 19.00 -45.69
C THR B 49 3.71 18.75 -44.75
N GLY B 50 3.70 19.41 -43.59
CA GLY B 50 4.76 19.30 -42.60
C GLY B 50 4.87 17.93 -41.96
N GLU B 51 5.97 17.66 -41.27
CA GLU B 51 6.16 16.36 -40.63
C GLU B 51 5.26 16.14 -39.40
N GLN B 52 4.77 14.90 -39.26
CA GLN B 52 4.01 14.49 -38.09
C GLN B 52 5.03 14.13 -37.02
N VAL B 53 4.80 14.61 -35.78
CA VAL B 53 5.70 14.36 -34.65
C VAL B 53 4.89 14.01 -33.41
N ALA B 54 5.52 13.27 -32.47
CA ALA B 54 4.95 12.94 -31.16
C ALA B 54 5.52 13.98 -30.18
N VAL B 55 4.64 14.61 -29.40
CA VAL B 55 5.01 15.70 -28.48
C VAL B 55 4.66 15.33 -27.02
N LYS B 56 5.68 15.28 -26.13
CA LYS B 56 5.46 14.99 -24.72
C LYS B 56 5.55 16.26 -23.89
N SER B 57 4.52 16.49 -23.06
CA SER B 57 4.45 17.64 -22.17
C SER B 57 3.83 17.25 -20.82
N LEU B 58 3.92 18.15 -19.83
CA LEU B 58 3.35 17.93 -18.51
C LEU B 58 1.93 18.48 -18.42
N LYS B 59 1.07 17.80 -17.63
CA LYS B 59 -0.32 18.21 -17.40
C LYS B 59 -0.37 19.48 -16.54
N HIS B 66 7.95 18.66 -11.27
CA HIS B 66 7.86 17.74 -12.40
C HIS B 66 8.56 18.27 -13.66
N ILE B 67 8.73 19.59 -13.76
CA ILE B 67 9.38 20.30 -14.87
C ILE B 67 10.86 19.91 -14.96
N ALA B 68 11.54 19.83 -13.79
CA ALA B 68 12.96 19.46 -13.67
C ALA B 68 13.21 18.04 -14.16
N ASP B 69 12.32 17.09 -13.79
CA ASP B 69 12.40 15.69 -14.21
C ASP B 69 12.30 15.55 -15.74
N LEU B 70 11.36 16.30 -16.36
CA LEU B 70 11.18 16.31 -17.82
C LEU B 70 12.45 16.85 -18.53
N LYS B 71 13.08 17.88 -17.94
CA LYS B 71 14.31 18.43 -18.52
C LYS B 71 15.45 17.42 -18.46
N LYS B 72 15.51 16.60 -17.40
CA LYS B 72 16.55 15.56 -17.27
C LYS B 72 16.29 14.42 -18.28
N GLU B 73 15.01 14.09 -18.50
CA GLU B 73 14.53 13.08 -19.46
C GLU B 73 14.95 13.47 -20.89
N ILE B 74 14.72 14.74 -21.28
CA ILE B 74 15.05 15.31 -22.59
C ILE B 74 16.56 15.19 -22.86
N GLU B 75 17.40 15.54 -21.86
CA GLU B 75 18.85 15.49 -22.01
C GLU B 75 19.36 14.04 -22.13
N ILE B 76 18.65 13.06 -21.51
CA ILE B 76 19.02 11.65 -21.65
C ILE B 76 18.74 11.22 -23.09
N LEU B 77 17.49 11.42 -23.56
CA LEU B 77 17.11 11.01 -24.91
C LEU B 77 17.93 11.69 -26.03
N ARG B 78 18.29 12.98 -25.85
CA ARG B 78 19.09 13.76 -26.80
C ARG B 78 20.43 13.08 -27.17
N ASN B 79 21.04 12.39 -26.19
CA ASN B 79 22.33 11.72 -26.36
C ASN B 79 22.25 10.19 -26.57
N LEU B 80 21.01 9.61 -26.73
CA LEU B 80 20.89 8.18 -27.00
C LEU B 80 20.72 7.97 -28.52
N TYR B 81 21.60 7.12 -29.12
CA TYR B 81 21.55 6.84 -30.56
CA TYR B 81 21.54 6.84 -30.56
C TYR B 81 21.59 5.33 -30.80
N HIS B 82 20.44 4.73 -31.14
CA HIS B 82 20.31 3.28 -31.38
C HIS B 82 19.08 2.94 -32.23
N GLU B 83 19.18 1.95 -33.14
CA GLU B 83 18.05 1.58 -34.02
C GLU B 83 16.78 1.11 -33.27
N ASN B 84 16.93 0.59 -32.02
CA ASN B 84 15.82 0.17 -31.18
C ASN B 84 15.51 1.17 -30.04
N ILE B 85 15.88 2.47 -30.20
CA ILE B 85 15.53 3.55 -29.26
C ILE B 85 14.85 4.66 -30.07
N VAL B 86 13.66 5.10 -29.64
CA VAL B 86 12.90 6.17 -30.33
C VAL B 86 13.78 7.40 -30.59
N LYS B 87 13.64 8.00 -31.79
CA LYS B 87 14.47 9.13 -32.19
C LYS B 87 14.01 10.47 -31.62
N TYR B 88 14.95 11.15 -30.93
CA TYR B 88 14.77 12.52 -30.43
C TYR B 88 14.79 13.43 -31.68
N LYS B 89 13.90 14.43 -31.74
CA LYS B 89 13.86 15.42 -32.82
C LYS B 89 14.21 16.82 -32.31
N GLY B 90 13.70 17.17 -31.13
CA GLY B 90 14.00 18.49 -30.57
C GLY B 90 13.13 18.90 -29.42
N ILE B 91 13.07 20.24 -29.20
CA ILE B 91 12.28 20.83 -28.11
C ILE B 91 11.47 22.04 -28.57
N CYS B 92 10.41 22.37 -27.81
CA CYS B 92 9.57 23.57 -27.96
C CYS B 92 9.54 24.22 -26.57
N THR B 93 10.21 25.37 -26.44
CA THR B 93 10.32 26.07 -25.15
C THR B 93 9.31 27.20 -25.03
N GLY B 99 8.63 26.19 -18.85
CA GLY B 99 7.84 25.29 -19.67
C GLY B 99 8.62 24.76 -20.88
N ILE B 100 8.56 23.44 -21.10
CA ILE B 100 9.25 22.77 -22.21
C ILE B 100 8.43 21.56 -22.73
N LYS B 101 8.58 21.24 -24.02
CA LYS B 101 7.91 20.10 -24.66
C LYS B 101 8.98 19.31 -25.37
N LEU B 102 8.90 17.97 -25.31
CA LEU B 102 9.87 17.08 -25.97
C LEU B 102 9.29 16.61 -27.30
N ILE B 103 10.00 16.85 -28.41
CA ILE B 103 9.56 16.47 -29.77
C ILE B 103 10.31 15.21 -30.21
N MET B 104 9.54 14.17 -30.65
CA MET B 104 10.10 12.87 -31.09
C MET B 104 9.47 12.43 -32.41
N GLU B 105 10.08 11.46 -33.09
CA GLU B 105 9.46 10.87 -34.30
C GLU B 105 8.13 10.24 -33.91
N PHE B 106 7.18 10.17 -34.86
CA PHE B 106 5.88 9.58 -34.61
C PHE B 106 5.81 8.16 -35.19
N LEU B 107 5.46 7.17 -34.34
CA LEU B 107 5.32 5.77 -34.80
C LEU B 107 3.80 5.45 -34.78
N PRO B 108 3.07 5.48 -35.96
CA PRO B 108 1.59 5.35 -35.95
C PRO B 108 0.98 4.07 -35.38
N SER B 109 1.73 2.95 -35.35
CA SER B 109 1.26 1.68 -34.79
C SER B 109 1.15 1.67 -33.26
N GLY B 110 1.66 2.71 -32.59
CA GLY B 110 1.59 2.84 -31.14
C GLY B 110 2.45 1.84 -30.39
N SER B 111 2.06 1.49 -29.15
CA SER B 111 2.80 0.55 -28.31
C SER B 111 2.38 -0.92 -28.56
N LEU B 112 3.19 -1.90 -28.05
CA LEU B 112 2.82 -3.31 -28.15
C LEU B 112 1.44 -3.58 -27.52
N LYS B 113 1.04 -2.79 -26.48
CA LYS B 113 -0.26 -2.92 -25.78
C LYS B 113 -1.44 -2.64 -26.71
N GLU B 114 -1.26 -1.70 -27.67
CA GLU B 114 -2.30 -1.37 -28.65
C GLU B 114 -2.22 -2.22 -29.93
N TYR B 115 -0.98 -2.54 -30.38
CA TYR B 115 -0.72 -3.26 -31.64
C TYR B 115 -0.91 -4.78 -31.59
N LEU B 116 -0.34 -5.45 -30.57
CA LEU B 116 -0.39 -6.92 -30.47
C LEU B 116 -1.83 -7.52 -30.45
N PRO B 117 -2.83 -6.95 -29.70
CA PRO B 117 -4.19 -7.57 -29.73
C PRO B 117 -4.85 -7.55 -31.10
N LYS B 118 -4.49 -6.58 -31.95
CA LYS B 118 -5.05 -6.40 -33.30
C LYS B 118 -4.23 -7.08 -34.40
N ASN B 119 -3.08 -7.70 -34.09
CA ASN B 119 -2.24 -8.27 -35.14
C ASN B 119 -1.73 -9.70 -34.90
N LYS B 120 -2.47 -10.49 -34.10
CA LYS B 120 -2.14 -11.89 -33.82
C LYS B 120 -1.85 -12.72 -35.08
N ASN B 121 -2.65 -12.54 -36.15
CA ASN B 121 -2.47 -13.32 -37.39
C ASN B 121 -1.17 -13.00 -38.14
N LYS B 122 -0.64 -11.77 -37.94
CA LYS B 122 0.57 -11.25 -38.57
C LYS B 122 1.85 -11.59 -37.77
N ILE B 123 1.75 -11.60 -36.42
CA ILE B 123 2.89 -11.83 -35.52
C ILE B 123 2.90 -13.26 -34.96
N ASN B 124 3.84 -14.10 -35.46
CA ASN B 124 4.03 -15.48 -35.00
C ASN B 124 5.18 -15.57 -33.97
N LEU B 125 5.49 -16.80 -33.48
CA LEU B 125 6.55 -16.99 -32.47
C LEU B 125 7.92 -16.48 -32.94
N LYS B 126 8.27 -16.71 -34.20
CA LYS B 126 9.51 -16.23 -34.81
C LYS B 126 9.59 -14.68 -34.73
N GLN B 127 8.48 -13.96 -35.01
CA GLN B 127 8.47 -12.49 -34.92
C GLN B 127 8.56 -11.99 -33.45
N GLN B 128 7.89 -12.68 -32.51
CA GLN B 128 7.96 -12.35 -31.07
C GLN B 128 9.41 -12.50 -30.55
N LEU B 129 10.15 -13.54 -30.99
CA LEU B 129 11.54 -13.72 -30.56
C LEU B 129 12.46 -12.65 -31.15
N LYS B 130 12.18 -12.19 -32.39
CA LYS B 130 12.96 -11.14 -33.04
C LYS B 130 12.73 -9.81 -32.30
N TYR B 131 11.45 -9.53 -31.93
CA TYR B 131 11.09 -8.34 -31.13
C TYR B 131 11.85 -8.41 -29.79
N ALA B 132 11.90 -9.62 -29.17
CA ALA B 132 12.58 -9.84 -27.86
C ALA B 132 14.10 -9.51 -27.95
N VAL B 133 14.77 -9.97 -29.03
CA VAL B 133 16.17 -9.64 -29.32
C VAL B 133 16.39 -8.08 -29.45
N GLN B 134 15.52 -7.40 -30.21
CA GLN B 134 15.58 -5.95 -30.39
C GLN B 134 15.41 -5.19 -29.07
N ILE B 135 14.50 -5.67 -28.19
CA ILE B 135 14.33 -5.03 -26.88
C ILE B 135 15.61 -5.20 -26.08
N CYS B 136 16.21 -6.41 -26.08
CA CYS B 136 17.47 -6.67 -25.37
C CYS B 136 18.62 -5.85 -25.90
N LYS B 137 18.70 -5.63 -27.23
CA LYS B 137 19.77 -4.83 -27.83
C LYS B 137 19.70 -3.36 -27.39
N GLY B 138 18.49 -2.78 -27.42
CA GLY B 138 18.27 -1.41 -26.97
C GLY B 138 18.57 -1.26 -25.49
N MET B 139 18.18 -2.27 -24.67
CA MET B 139 18.43 -2.25 -23.22
C MET B 139 19.91 -2.41 -22.91
N ASP B 140 20.63 -3.33 -23.63
CA ASP B 140 22.08 -3.49 -23.43
C ASP B 140 22.86 -2.18 -23.75
N TYR B 141 22.40 -1.41 -24.76
CA TYR B 141 22.99 -0.12 -25.11
C TYR B 141 22.78 0.86 -23.93
N LEU B 142 21.55 0.90 -23.36
CA LEU B 142 21.22 1.79 -22.23
C LEU B 142 22.12 1.49 -21.03
N GLY B 143 22.32 0.21 -20.73
CA GLY B 143 23.22 -0.25 -19.66
C GLY B 143 24.68 0.11 -19.89
N SER B 144 25.14 0.06 -21.15
CA SER B 144 26.53 0.43 -21.50
C SER B 144 26.78 1.94 -21.28
N ARG B 145 25.71 2.76 -21.34
CA ARG B 145 25.78 4.21 -21.09
C ARG B 145 25.50 4.53 -19.60
N GLN B 146 25.52 3.49 -18.73
CA GLN B 146 25.37 3.57 -17.26
C GLN B 146 23.99 4.07 -16.79
N TYR B 147 22.92 3.76 -17.54
CA TYR B 147 21.56 4.10 -17.12
C TYR B 147 20.74 2.86 -16.74
N VAL B 148 19.82 3.03 -15.76
CA VAL B 148 18.83 2.02 -15.37
C VAL B 148 17.45 2.59 -15.75
N HIS B 149 16.67 1.85 -16.55
CA HIS B 149 15.38 2.31 -17.10
C HIS B 149 14.26 2.50 -16.03
N ARG B 150 14.05 1.49 -15.15
CA ARG B 150 13.07 1.46 -14.04
C ARG B 150 11.59 1.27 -14.47
N ASP B 151 11.28 1.31 -15.78
CA ASP B 151 9.89 1.27 -16.26
C ASP B 151 9.70 0.39 -17.53
N LEU B 152 10.49 -0.70 -17.67
CA LEU B 152 10.36 -1.56 -18.85
C LEU B 152 9.10 -2.43 -18.82
N ALA B 153 8.13 -2.09 -19.67
CA ALA B 153 6.86 -2.79 -19.82
C ALA B 153 6.42 -2.64 -21.28
N ALA B 154 5.47 -3.48 -21.75
CA ALA B 154 4.99 -3.44 -23.14
C ALA B 154 4.45 -2.07 -23.55
N ARG B 155 3.77 -1.35 -22.63
CA ARG B 155 3.23 0.00 -22.88
C ARG B 155 4.29 1.02 -23.28
N ASN B 156 5.57 0.75 -22.95
CA ASN B 156 6.72 1.62 -23.28
C ASN B 156 7.55 1.11 -24.46
N VAL B 157 7.09 0.04 -25.15
CA VAL B 157 7.74 -0.49 -26.35
C VAL B 157 6.87 -0.08 -27.54
N LEU B 158 7.43 0.74 -28.46
CA LEU B 158 6.70 1.23 -29.63
C LEU B 158 6.93 0.34 -30.85
N VAL B 159 5.94 0.28 -31.76
CA VAL B 159 6.05 -0.54 -32.97
C VAL B 159 6.34 0.33 -34.19
N GLU B 160 7.53 0.18 -34.77
CA GLU B 160 7.97 0.89 -35.98
C GLU B 160 7.29 0.24 -37.22
N SER B 161 7.32 -1.11 -37.26
CA SER B 161 6.71 -1.93 -38.31
C SER B 161 6.54 -3.36 -37.80
N GLU B 162 5.95 -4.26 -38.62
CA GLU B 162 5.82 -5.65 -38.19
C GLU B 162 7.20 -6.34 -37.96
N HIS B 163 8.30 -5.69 -38.43
CA HIS B 163 9.67 -6.20 -38.32
C HIS B 163 10.57 -5.43 -37.31
N GLN B 164 10.04 -4.37 -36.68
CA GLN B 164 10.87 -3.57 -35.77
C GLN B 164 10.13 -2.85 -34.62
N VAL B 165 10.69 -2.97 -33.40
CA VAL B 165 10.23 -2.26 -32.20
C VAL B 165 11.33 -1.32 -31.69
N LYS B 166 10.93 -0.30 -30.92
CA LYS B 166 11.84 0.68 -30.31
C LYS B 166 11.39 1.00 -28.87
N ILE B 167 12.35 1.11 -27.92
CA ILE B 167 12.02 1.56 -26.54
C ILE B 167 11.59 3.03 -26.69
N GLY B 168 10.38 3.34 -26.21
CA GLY B 168 9.72 4.62 -26.48
C GLY B 168 9.47 5.64 -25.41
N ASP B 169 10.00 5.43 -24.18
CA ASP B 169 9.82 6.38 -23.07
C ASP B 169 10.93 6.21 -22.06
N PHE B 170 11.42 7.32 -21.47
CA PHE B 170 12.54 7.30 -20.52
C PHE B 170 12.26 8.18 -19.28
N GLY B 171 10.98 8.29 -18.92
CA GLY B 171 10.47 9.10 -17.82
C GLY B 171 10.99 8.79 -16.41
N LEU B 172 11.39 7.55 -16.16
CA LEU B 172 11.92 7.10 -14.85
C LEU B 172 13.43 6.72 -14.88
N THR B 173 14.11 6.95 -16.02
CA THR B 173 15.52 6.59 -16.25
C THR B 173 16.48 7.36 -15.32
N LYS B 174 17.43 6.63 -14.69
CA LYS B 174 18.43 7.20 -13.79
C LYS B 174 19.84 6.74 -14.12
N ALA B 175 20.86 7.60 -13.89
CA ALA B 175 22.27 7.28 -14.09
C ALA B 175 22.81 6.57 -12.84
N ILE B 176 23.52 5.46 -13.04
CA ILE B 176 24.17 4.73 -11.95
C ILE B 176 25.58 5.33 -11.83
N GLU B 177 25.95 5.81 -10.63
CA GLU B 177 27.26 6.39 -10.33
C GLU B 177 28.41 5.45 -10.71
N THR B 178 29.54 6.01 -11.20
CA THR B 178 30.74 5.24 -11.58
C THR B 178 31.23 4.47 -10.36
N ASP B 179 31.52 3.16 -10.56
CA ASP B 179 32.00 2.19 -9.55
C ASP B 179 30.91 1.70 -8.59
N LYS B 180 29.66 2.17 -8.78
CA LYS B 180 28.50 1.74 -8.00
C LYS B 180 27.67 0.72 -8.81
N GLU B 181 26.94 -0.16 -8.09
CA GLU B 181 26.11 -1.20 -8.70
C GLU B 181 24.65 -0.81 -8.83
N PTR B 182 24.18 0.21 -8.09
CA PTR B 182 22.77 0.57 -8.11
C PTR B 182 22.49 2.05 -7.82
O PTR B 182 23.36 2.75 -7.30
CB PTR B 182 22.01 -0.26 -7.05
CG PTR B 182 22.48 -0.06 -5.63
CD1 PTR B 182 23.51 -0.82 -5.10
CD2 PTR B 182 21.89 0.92 -4.83
CE1 PTR B 182 23.95 -0.62 -3.80
CE2 PTR B 182 22.34 1.13 -3.54
CZ PTR B 182 23.36 0.36 -3.02
OH PTR B 182 23.78 0.62 -1.69
P PTR B 182 24.62 -0.35 -0.76
O1P PTR B 182 26.06 -0.30 -1.27
O2P PTR B 182 24.04 -1.77 -0.75
O3P PTR B 182 24.58 0.32 0.61
N PTR B 183 21.25 2.50 -8.09
CA PTR B 183 20.76 3.83 -7.77
C PTR B 183 19.56 3.65 -6.82
O PTR B 183 18.69 2.82 -7.09
CB PTR B 183 20.33 4.64 -9.04
CG PTR B 183 20.04 6.10 -8.75
CD1 PTR B 183 18.77 6.52 -8.40
CD2 PTR B 183 21.06 7.04 -8.79
CE1 PTR B 183 18.50 7.84 -8.10
CE2 PTR B 183 20.81 8.37 -8.49
CZ PTR B 183 19.53 8.78 -8.16
OH PTR B 183 19.31 10.12 -7.79
P PTR B 183 18.45 11.22 -8.57
O1P PTR B 183 19.00 11.25 -10.00
O2P PTR B 183 18.83 12.55 -7.91
O3P PTR B 183 16.96 10.95 -8.50
N THR B 184 19.54 4.41 -5.70
CA THR B 184 18.46 4.36 -4.71
C THR B 184 17.44 5.48 -5.00
N VAL B 185 16.15 5.14 -5.12
CA VAL B 185 15.08 6.13 -5.41
C VAL B 185 14.21 6.43 -4.17
N LYS B 186 13.92 7.72 -3.92
CA LYS B 186 13.09 8.19 -2.79
C LYS B 186 11.63 8.39 -3.21
N ASP B 187 11.39 8.90 -4.43
CA ASP B 187 10.03 9.13 -4.96
C ASP B 187 9.56 7.84 -5.66
N ASP B 188 8.84 6.99 -4.90
CA ASP B 188 8.34 5.68 -5.37
C ASP B 188 6.80 5.52 -5.29
N ARG B 189 6.06 6.65 -5.27
CA ARG B 189 4.59 6.67 -5.16
C ARG B 189 3.84 6.04 -6.34
N ASP B 190 4.24 6.33 -7.60
CA ASP B 190 3.58 5.81 -8.80
C ASP B 190 4.38 4.65 -9.45
N SER B 191 4.87 3.72 -8.62
CA SER B 191 5.69 2.58 -9.02
C SER B 191 4.93 1.45 -9.73
N PRO B 192 5.43 0.94 -10.90
CA PRO B 192 4.76 -0.22 -11.54
C PRO B 192 5.18 -1.53 -10.82
N VAL B 193 4.70 -1.70 -9.57
CA VAL B 193 5.07 -2.78 -8.65
C VAL B 193 5.05 -4.22 -9.26
N PHE B 194 4.10 -4.54 -10.18
CA PHE B 194 3.99 -5.88 -10.75
C PHE B 194 5.09 -6.20 -11.82
N TRP B 195 5.95 -5.22 -12.15
CA TRP B 195 7.10 -5.35 -13.06
C TRP B 195 8.45 -5.24 -12.27
N TYR B 196 8.38 -4.93 -10.95
CA TYR B 196 9.55 -4.70 -10.10
C TYR B 196 10.18 -5.95 -9.45
N ALA B 197 11.54 -5.98 -9.43
CA ALA B 197 12.32 -7.03 -8.79
C ALA B 197 12.19 -6.87 -7.26
N PRO B 198 12.48 -7.92 -6.45
CA PRO B 198 12.34 -7.77 -4.97
C PRO B 198 13.21 -6.69 -4.33
N GLU B 199 14.44 -6.42 -4.86
CA GLU B 199 15.31 -5.37 -4.29
C GLU B 199 14.70 -3.98 -4.49
N CYS B 200 13.94 -3.80 -5.60
CA CYS B 200 13.25 -2.54 -5.90
C CYS B 200 12.11 -2.35 -4.92
N LEU B 201 11.33 -3.42 -4.67
CA LEU B 201 10.19 -3.39 -3.76
C LEU B 201 10.60 -3.26 -2.30
N MET B 202 11.64 -3.99 -1.87
CA MET B 202 12.08 -4.01 -0.47
C MET B 202 12.99 -2.87 -0.04
N GLN B 203 13.93 -2.42 -0.90
CA GLN B 203 14.90 -1.38 -0.53
C GLN B 203 14.98 -0.18 -1.47
N SER B 204 14.11 -0.11 -2.52
CA SER B 204 14.10 1.00 -3.49
C SER B 204 15.47 1.12 -4.21
N LYS B 205 16.12 -0.05 -4.44
CA LYS B 205 17.42 -0.14 -5.11
C LYS B 205 17.20 -0.62 -6.55
N PHE B 206 17.89 0.01 -7.52
CA PHE B 206 17.73 -0.30 -8.95
C PHE B 206 19.09 -0.55 -9.59
N TYR B 207 19.31 -1.84 -9.99
CA TYR B 207 20.52 -2.36 -10.62
C TYR B 207 20.22 -2.61 -12.10
N ILE B 208 21.27 -2.86 -12.92
CA ILE B 208 21.06 -3.26 -14.33
C ILE B 208 20.24 -4.60 -14.32
N ALA B 209 20.53 -5.50 -13.33
CA ALA B 209 19.82 -6.77 -13.14
C ALA B 209 18.32 -6.57 -12.84
N SER B 210 17.91 -5.40 -12.27
CA SER B 210 16.48 -5.10 -12.02
C SER B 210 15.73 -4.86 -13.35
N ASP B 211 16.41 -4.25 -14.35
CA ASP B 211 15.84 -4.06 -15.69
C ASP B 211 15.72 -5.43 -16.39
N VAL B 212 16.64 -6.37 -16.09
CA VAL B 212 16.59 -7.74 -16.61
C VAL B 212 15.33 -8.44 -16.08
N TRP B 213 15.00 -8.22 -14.80
CA TRP B 213 13.78 -8.75 -14.17
C TRP B 213 12.56 -8.20 -14.90
N SER B 214 12.50 -6.85 -15.09
CA SER B 214 11.38 -6.18 -15.77
CA SER B 214 11.37 -6.20 -15.77
CA SER B 214 11.39 -6.15 -15.78
C SER B 214 11.25 -6.68 -17.20
N PHE B 215 12.41 -6.99 -17.86
CA PHE B 215 12.39 -7.54 -19.23
C PHE B 215 11.61 -8.87 -19.27
N GLY B 216 11.83 -9.74 -18.27
CA GLY B 216 11.16 -11.03 -18.15
C GLY B 216 9.65 -10.89 -18.13
N VAL B 217 9.18 -9.87 -17.41
CA VAL B 217 7.74 -9.56 -17.35
C VAL B 217 7.25 -9.03 -18.72
N THR B 218 8.00 -8.11 -19.38
CA THR B 218 7.63 -7.58 -20.71
C THR B 218 7.57 -8.75 -21.74
N LEU B 219 8.51 -9.73 -21.64
CA LEU B 219 8.53 -10.95 -22.50
C LEU B 219 7.25 -11.76 -22.28
N HIS B 220 6.80 -11.92 -21.02
CA HIS B 220 5.55 -12.61 -20.72
C HIS B 220 4.38 -11.86 -21.41
N GLU B 221 4.37 -10.50 -21.35
CA GLU B 221 3.31 -9.70 -22.01
C GLU B 221 3.30 -9.92 -23.53
N LEU B 222 4.49 -9.86 -24.15
CA LEU B 222 4.69 -10.04 -25.58
C LEU B 222 4.14 -11.41 -26.04
N LEU B 223 4.46 -12.46 -25.27
CA LEU B 223 4.06 -13.84 -25.56
C LEU B 223 2.54 -14.10 -25.39
N THR B 224 1.85 -13.26 -24.58
CA THR B 224 0.39 -13.35 -24.38
C THR B 224 -0.36 -12.32 -25.26
N TYR B 225 0.36 -11.64 -26.19
CA TYR B 225 -0.19 -10.59 -27.08
C TYR B 225 -0.88 -9.46 -26.29
N CYS B 226 -0.34 -9.13 -25.08
CA CYS B 226 -0.85 -8.09 -24.17
C CYS B 226 -2.36 -8.27 -23.85
N ASP B 227 -2.76 -9.51 -23.59
CA ASP B 227 -4.15 -9.82 -23.24
C ASP B 227 -4.44 -9.31 -21.82
N SER B 228 -5.50 -8.49 -21.67
CA SER B 228 -5.91 -7.87 -20.39
C SER B 228 -6.12 -8.87 -19.25
N ASP B 229 -6.83 -9.98 -19.55
CA ASP B 229 -7.14 -11.03 -18.57
C ASP B 229 -5.90 -11.79 -18.06
N SER B 230 -4.82 -11.79 -18.86
CA SER B 230 -3.55 -12.49 -18.59
C SER B 230 -2.41 -11.50 -18.26
N SER B 231 -2.74 -10.25 -17.89
CA SER B 231 -1.75 -9.23 -17.59
C SER B 231 -0.99 -9.52 -16.28
N PRO B 232 0.29 -9.07 -16.14
CA PRO B 232 1.02 -9.35 -14.89
C PRO B 232 0.26 -8.94 -13.62
N MET B 233 -0.47 -7.80 -13.68
CA MET B 233 -1.31 -7.35 -12.56
C MET B 233 -2.39 -8.39 -12.24
N ALA B 234 -3.16 -8.83 -13.27
CA ALA B 234 -4.23 -9.81 -13.14
C ALA B 234 -3.73 -11.15 -12.59
N LEU B 235 -2.62 -11.67 -13.13
CA LEU B 235 -2.06 -12.95 -12.72
C LEU B 235 -1.49 -12.92 -11.31
N PHE B 236 -0.79 -11.82 -10.92
CA PHE B 236 -0.24 -11.69 -9.57
C PHE B 236 -1.34 -11.50 -8.52
N LEU B 237 -2.40 -10.74 -8.86
CA LEU B 237 -3.54 -10.52 -7.96
C LEU B 237 -4.28 -11.82 -7.65
N LYS B 238 -4.33 -12.76 -8.61
CA LYS B 238 -4.95 -14.07 -8.41
C LYS B 238 -4.14 -14.90 -7.39
N MET B 239 -2.79 -14.80 -7.46
CA MET B 239 -1.85 -15.49 -6.58
C MET B 239 -1.91 -14.99 -5.12
N ILE B 240 -2.14 -13.67 -4.91
CA ILE B 240 -2.08 -13.03 -3.59
C ILE B 240 -3.44 -12.66 -2.96
N GLY B 241 -4.40 -12.25 -3.78
CA GLY B 241 -5.71 -11.76 -3.37
C GLY B 241 -6.02 -10.45 -4.10
N PRO B 242 -7.19 -10.32 -4.76
CA PRO B 242 -7.45 -9.10 -5.55
C PRO B 242 -7.76 -7.80 -4.79
N THR B 243 -8.16 -7.90 -3.51
CA THR B 243 -8.53 -6.72 -2.71
C THR B 243 -7.71 -6.61 -1.40
N HIS B 244 -6.64 -5.78 -1.41
CA HIS B 244 -5.78 -5.57 -0.24
C HIS B 244 -5.33 -4.10 -0.04
N GLY B 245 -5.15 -3.35 -1.14
CA GLY B 245 -4.76 -1.94 -1.13
C GLY B 245 -3.37 -1.62 -0.61
N GLN B 246 -3.28 -1.19 0.66
CA GLN B 246 -2.02 -0.83 1.33
C GLN B 246 -1.15 -2.08 1.63
N MET B 247 -1.75 -3.28 1.60
CA MET B 247 -1.08 -4.55 1.89
C MET B 247 -0.67 -5.35 0.62
N THR B 248 -0.99 -4.83 -0.58
CA THR B 248 -0.68 -5.48 -1.86
C THR B 248 0.81 -5.88 -2.02
N VAL B 249 1.73 -4.90 -1.81
CA VAL B 249 3.18 -5.03 -1.97
C VAL B 249 3.79 -6.06 -0.99
N THR B 250 3.39 -6.05 0.30
CA THR B 250 3.91 -7.02 1.29
C THR B 250 3.59 -8.45 0.84
N ARG B 251 2.34 -8.69 0.38
CA ARG B 251 1.86 -9.99 -0.09
C ARG B 251 2.57 -10.41 -1.39
N LEU B 252 2.92 -9.41 -2.23
CA LEU B 252 3.67 -9.62 -3.46
C LEU B 252 5.11 -10.07 -3.13
N VAL B 253 5.81 -9.36 -2.21
CA VAL B 253 7.16 -9.72 -1.76
C VAL B 253 7.15 -11.14 -1.16
N ASN B 254 6.13 -11.48 -0.33
CA ASN B 254 5.99 -12.80 0.27
C ASN B 254 5.87 -13.90 -0.78
N THR B 255 5.04 -13.67 -1.81
CA THR B 255 4.82 -14.60 -2.93
C THR B 255 6.16 -14.87 -3.68
N LEU B 256 6.96 -13.82 -3.94
CA LEU B 256 8.26 -13.94 -4.63
C LEU B 256 9.31 -14.64 -3.75
N LYS B 257 9.31 -14.35 -2.43
CA LYS B 257 10.23 -14.97 -1.45
C LYS B 257 10.04 -16.48 -1.35
N GLU B 258 8.78 -16.93 -1.55
CA GLU B 258 8.39 -18.35 -1.52
C GLU B 258 8.80 -19.07 -2.81
N GLY B 259 9.23 -18.30 -3.81
CA GLY B 259 9.69 -18.82 -5.10
C GLY B 259 8.65 -18.87 -6.21
N LYS B 260 7.44 -18.32 -5.97
CA LYS B 260 6.36 -18.29 -6.96
C LYS B 260 6.63 -17.24 -8.04
N ARG B 261 6.36 -17.61 -9.32
CA ARG B 261 6.55 -16.72 -10.47
C ARG B 261 5.36 -16.82 -11.42
N LEU B 262 5.27 -15.90 -12.40
CA LEU B 262 4.22 -15.90 -13.41
C LEU B 262 4.29 -17.22 -14.19
N PRO B 263 3.14 -17.85 -14.52
CA PRO B 263 3.18 -19.14 -15.25
C PRO B 263 3.61 -19.00 -16.70
N CYS B 264 3.89 -20.14 -17.36
CA CYS B 264 4.25 -20.23 -18.78
C CYS B 264 3.09 -19.76 -19.65
N PRO B 265 3.33 -18.76 -20.55
CA PRO B 265 2.24 -18.27 -21.41
C PRO B 265 1.65 -19.36 -22.30
N PRO B 266 0.34 -19.28 -22.70
CA PRO B 266 -0.22 -20.34 -23.57
C PRO B 266 0.57 -20.47 -24.88
N ASN B 267 0.88 -21.72 -25.28
CA ASN B 267 1.60 -22.06 -26.52
C ASN B 267 3.09 -21.66 -26.54
N CYS B 268 3.63 -21.18 -25.40
CA CYS B 268 5.03 -20.80 -25.32
C CYS B 268 5.88 -22.06 -25.06
N PRO B 269 6.84 -22.44 -25.94
CA PRO B 269 7.68 -23.62 -25.65
C PRO B 269 8.46 -23.49 -24.33
N ASP B 270 8.71 -24.60 -23.65
CA ASP B 270 9.45 -24.62 -22.38
C ASP B 270 10.85 -23.97 -22.48
N GLU B 271 11.57 -24.16 -23.62
CA GLU B 271 12.89 -23.55 -23.86
C GLU B 271 12.85 -22.00 -23.81
N VAL B 272 11.74 -21.39 -24.27
CA VAL B 272 11.58 -19.92 -24.21
C VAL B 272 11.27 -19.53 -22.76
N TYR B 273 10.35 -20.29 -22.08
CA TYR B 273 9.99 -20.06 -20.68
C TYR B 273 11.20 -20.17 -19.74
N GLN B 274 12.16 -21.08 -20.04
CA GLN B 274 13.37 -21.24 -19.24
C GLN B 274 14.24 -19.98 -19.27
N LEU B 275 14.35 -19.33 -20.45
CA LEU B 275 15.09 -18.07 -20.62
C LEU B 275 14.43 -16.95 -19.79
N MET B 276 13.08 -16.93 -19.77
CA MET B 276 12.25 -16.00 -18.99
C MET B 276 12.50 -16.19 -17.48
N ARG B 277 12.56 -17.44 -17.01
CA ARG B 277 12.82 -17.80 -15.59
C ARG B 277 14.21 -17.34 -15.09
N LYS B 278 15.22 -17.31 -15.98
CA LYS B 278 16.56 -16.82 -15.63
C LYS B 278 16.59 -15.31 -15.34
N CYS B 279 15.53 -14.58 -15.76
CA CYS B 279 15.38 -13.13 -15.53
C CYS B 279 14.87 -12.93 -14.12
N TRP B 280 14.29 -13.98 -13.51
CA TRP B 280 13.59 -13.94 -12.24
C TRP B 280 14.26 -14.64 -11.05
N GLU B 281 15.61 -14.79 -11.08
CA GLU B 281 16.35 -15.32 -9.93
C GLU B 281 16.18 -14.28 -8.80
N PHE B 282 15.91 -14.72 -7.55
CA PHE B 282 15.70 -13.79 -6.41
C PHE B 282 16.84 -12.78 -6.24
N GLN B 283 18.10 -13.27 -6.19
CA GLN B 283 19.30 -12.45 -6.04
C GLN B 283 19.71 -11.83 -7.37
N PRO B 284 19.96 -10.48 -7.42
CA PRO B 284 20.34 -9.84 -8.69
C PRO B 284 21.59 -10.41 -9.36
N SER B 285 22.61 -10.80 -8.57
CA SER B 285 23.86 -11.38 -9.10
C SER B 285 23.67 -12.73 -9.84
N ASN B 286 22.60 -13.47 -9.51
CA ASN B 286 22.28 -14.77 -10.13
C ASN B 286 21.49 -14.69 -11.46
N ARG B 287 20.94 -13.51 -11.82
CA ARG B 287 20.16 -13.36 -13.06
C ARG B 287 21.02 -13.38 -14.32
N THR B 288 20.37 -13.72 -15.45
CA THR B 288 21.01 -13.69 -16.77
C THR B 288 21.29 -12.22 -17.16
N SER B 289 22.13 -12.02 -18.18
CA SER B 289 22.47 -10.69 -18.68
C SER B 289 21.72 -10.49 -20.00
N PHE B 290 21.58 -9.22 -20.44
CA PHE B 290 20.94 -8.97 -21.75
C PHE B 290 21.69 -9.66 -22.91
N GLN B 291 23.04 -9.71 -22.83
CA GLN B 291 23.87 -10.39 -23.84
C GLN B 291 23.61 -11.90 -23.91
N ASN B 292 23.45 -12.55 -22.73
CA ASN B 292 23.15 -13.99 -22.67
C ASN B 292 21.75 -14.25 -23.22
N LEU B 293 20.78 -13.33 -22.98
CA LEU B 293 19.42 -13.48 -23.52
C LEU B 293 19.45 -13.42 -25.05
N ILE B 294 20.20 -12.45 -25.62
CA ILE B 294 20.34 -12.28 -27.08
C ILE B 294 20.91 -13.57 -27.68
N GLU B 295 21.99 -14.11 -27.09
CA GLU B 295 22.61 -15.38 -27.54
C GLU B 295 21.59 -16.54 -27.49
N GLY B 296 20.79 -16.60 -26.42
CA GLY B 296 19.75 -17.60 -26.20
C GLY B 296 18.65 -17.58 -27.24
N PHE B 297 18.09 -16.37 -27.51
CA PHE B 297 17.04 -16.22 -28.52
C PHE B 297 17.56 -16.49 -29.94
N GLU B 298 18.81 -16.07 -30.24
CA GLU B 298 19.40 -16.29 -31.58
C GLU B 298 19.59 -17.80 -31.86
N ALA B 299 19.98 -18.59 -30.83
CA ALA B 299 20.13 -20.05 -30.94
C ALA B 299 18.78 -20.75 -31.24
N LEU B 300 17.67 -20.19 -30.73
CA LEU B 300 16.33 -20.74 -30.98
C LEU B 300 15.80 -20.33 -32.36
N LEU B 301 16.29 -19.20 -32.92
CA LEU B 301 15.86 -18.69 -34.22
C LEU B 301 16.54 -19.38 -35.42
N LYS B 302 17.66 -20.10 -35.17
CA LYS B 302 18.44 -20.78 -36.20
C LYS B 302 17.70 -21.98 -36.80
C4 KEJ C . -17.54 5.35 17.77
C14 KEJ C . -20.20 4.99 22.42
C5 KEJ C . -17.97 5.13 16.45
C6 KEJ C . -18.01 3.83 15.96
C11 KEJ C . -19.35 7.29 21.58
C7 KEJ C . -17.64 2.75 16.73
C8 KEJ C . -17.20 2.96 18.03
C9 KEJ C . -17.15 4.25 18.54
C10 KEJ C . -16.10 3.51 20.58
C12 KEJ C . -20.09 6.39 22.53
C13 KEJ C . -20.76 6.70 23.74
N1 KEJ C . -16.85 7.67 17.54
N2 KEJ C . -18.74 6.67 20.51
C3 KEJ C . -17.49 6.75 18.27
N3 KEJ C . -21.25 5.62 24.35
O1 KEJ C . -19.29 8.51 21.77
N5 KEJ C . -19.72 4.12 21.49
C15 KEJ C . -19.99 2.84 21.70
C16 KEJ C . -20.71 2.35 22.81
C17 KEJ C . -21.16 3.24 23.75
N4 KEJ C . -20.89 4.56 23.53
C2 KEJ C . -17.98 7.32 19.51
C1 KEJ C . -17.57 8.62 19.45
N KEJ C . -16.92 8.80 18.29
C KEJ C . -16.34 10.04 17.78
O KEJ C . -16.75 4.54 19.83
CL KEJ C . -18.60 3.57 14.34
C1 GOL D . 11.92 -19.61 -9.21
O1 GOL D . 12.01 -19.14 -7.89
C2 GOL D . 13.21 -19.41 -9.97
O2 GOL D . 13.37 -20.46 -10.95
C3 GOL D . 13.23 -18.06 -10.66
O3 GOL D . 12.53 -18.08 -11.90
C4 KEJ E . 2.43 7.15 -24.33
C14 KEJ E . 4.64 7.70 -29.06
C5 KEJ E . 2.05 8.14 -23.41
C6 KEJ E . 2.96 8.67 -22.53
C11 KEJ E . 2.32 6.59 -28.88
C7 KEJ E . 4.29 8.27 -22.55
C8 KEJ E . 4.70 7.31 -23.45
C9 KEJ E . 3.77 6.74 -24.34
C10 KEJ E . 5.41 5.20 -25.20
C12 KEJ E . 3.50 7.12 -29.64
C13 KEJ E . 3.75 7.12 -31.02
N1 KEJ E . 0.30 6.01 -24.61
N2 KEJ E . 2.35 6.77 -27.52
C3 KEJ E . 1.39 6.53 -25.19
N3 KEJ E . 4.94 7.63 -31.33
O1 KEJ E . 1.40 6.03 -29.47
N5 KEJ E . 4.99 7.92 -27.78
C15 KEJ E . 6.20 8.44 -27.58
C16 KEJ E . 7.11 8.73 -28.62
C17 KEJ E . 6.73 8.50 -29.90
N4 KEJ E . 5.48 7.98 -30.12
C2 KEJ E . 1.37 6.35 -26.61
C1 KEJ E . 0.20 5.67 -26.83
N KEJ E . -0.40 5.48 -25.65
C KEJ E . -1.64 4.76 -25.38
O KEJ E . 4.09 5.76 -25.24
CL KEJ E . 2.45 9.85 -21.36
#